data_6SWG
#
_entry.id   6SWG
#
_cell.length_a   93.570
_cell.length_b   93.570
_cell.length_c   84.970
_cell.angle_alpha   90.000
_cell.angle_beta   90.000
_cell.angle_gamma   120.000
#
_symmetry.space_group_name_H-M   'P 32 2 1'
#
loop_
_entity.id
_entity.type
_entity.pdbx_description
1 polymer Periphilin-1
2 polymer 'Protein TASOR'
3 non-polymer 'SULFATE ION'
#
loop_
_entity_poly.entity_id
_entity_poly.type
_entity_poly.pdbx_seq_one_letter_code
_entity_poly.pdbx_strand_id
1 'polypeptide(L)'
;MGSSHHHHHHSQENLYFQSQLTTRSKAIASKTKEIEQVYRQDCETFGMVVKMLIEKDPSLEKSIQFALRQNLHEIGERCV
EELKHFIAEYDTST
;
A,B
2 'polypeptide(L)'
;MSETTERTVLGEYNLFSRKIEEILKQKNVSYVSTVSTPIFSTQEKMKRLSEFIYSKTSKAGVQEFVDGLHEKLNTIIIKA
SAK
;
C
#
loop_
_chem_comp.id
_chem_comp.type
_chem_comp.name
_chem_comp.formula
SO4 non-polymer 'SULFATE ION' 'O4 S -2'
#
# COMPACT_ATOMS: atom_id res chain seq x y z
N THR A 22 -12.19 29.37 15.53
CA THR A 22 -11.66 30.70 15.76
C THR A 22 -10.20 30.70 15.25
N THR A 23 -9.28 31.04 16.14
CA THR A 23 -7.86 30.88 15.81
C THR A 23 -7.49 29.41 15.64
N ARG A 24 -8.10 28.54 16.46
CA ARG A 24 -7.78 27.10 16.46
C ARG A 24 -8.25 26.41 15.20
N SER A 25 -9.31 26.95 14.57
CA SER A 25 -9.88 26.31 13.38
C SER A 25 -8.80 25.84 12.41
N LYS A 26 -7.81 26.70 12.17
CA LYS A 26 -6.72 26.34 11.27
C LYS A 26 -6.05 25.03 11.68
N ALA A 27 -5.74 24.89 12.98
CA ALA A 27 -4.94 23.74 13.44
C ALA A 27 -5.70 22.42 13.31
N ILE A 28 -6.98 22.44 13.68
CA ILE A 28 -7.80 21.24 13.57
C ILE A 28 -7.91 20.82 12.11
N ALA A 29 -8.19 21.79 11.22
CA ALA A 29 -8.29 21.49 9.80
C ALA A 29 -6.98 20.88 9.29
N SER A 30 -5.87 21.37 9.79
CA SER A 30 -4.60 20.83 9.32
C SER A 30 -4.42 19.38 9.74
N LYS A 31 -4.72 19.06 11.00
CA LYS A 31 -4.55 17.65 11.38
C LYS A 31 -5.60 16.76 10.69
N THR A 32 -6.79 17.27 10.47
CA THR A 32 -7.78 16.47 9.78
C THR A 32 -7.35 16.16 8.35
N LYS A 33 -6.76 17.14 7.65
CA LYS A 33 -6.26 16.85 6.32
C LYS A 33 -5.20 15.76 6.39
N GLU A 34 -4.30 15.88 7.37
CA GLU A 34 -3.25 14.88 7.51
C GLU A 34 -3.85 13.49 7.68
N ILE A 35 -4.78 13.36 8.61
CA ILE A 35 -5.33 12.05 8.89
C ILE A 35 -6.07 11.51 7.67
N GLU A 36 -6.79 12.38 6.97
CA GLU A 36 -7.49 11.89 5.80
C GLU A 36 -6.50 11.39 4.78
N GLN A 37 -5.37 12.06 4.66
CA GLN A 37 -4.38 11.60 3.69
C GLN A 37 -3.85 10.24 4.07
N VAL A 38 -3.53 10.05 5.34
CA VAL A 38 -3.09 8.73 5.78
C VAL A 38 -4.16 7.65 5.50
N TYR A 39 -5.41 7.95 5.82
CA TYR A 39 -6.39 6.91 5.65
C TYR A 39 -6.57 6.61 4.18
N ARG A 40 -6.58 7.66 3.36
CA ARG A 40 -6.71 7.48 1.91
C ARG A 40 -5.60 6.57 1.40
N GLN A 41 -4.40 6.74 1.94
CA GLN A 41 -3.32 5.86 1.53
C GLN A 41 -3.57 4.41 1.97
N ASP A 42 -4.00 4.22 3.21
CA ASP A 42 -4.27 2.87 3.68
C ASP A 42 -5.26 2.23 2.74
N CYS A 43 -6.23 3.02 2.28
CA CYS A 43 -7.28 2.52 1.40
C CYS A 43 -6.69 2.10 0.04
N GLU A 44 -5.93 3.00 -0.56
CA GLU A 44 -5.39 2.68 -1.87
C GLU A 44 -4.51 1.45 -1.79
N THR A 45 -3.74 1.29 -0.72
CA THR A 45 -2.87 0.13 -0.60
C THR A 45 -3.65 -1.17 -0.41
N PHE A 46 -4.57 -1.18 0.56
CA PHE A 46 -5.36 -2.37 0.75
C PHE A 46 -6.06 -2.80 -0.54
N GLY A 47 -6.64 -1.84 -1.26
CA GLY A 47 -7.33 -2.19 -2.49
C GLY A 47 -6.38 -2.69 -3.56
N MET A 48 -5.22 -2.05 -3.70
CA MET A 48 -4.29 -2.52 -4.74
C MET A 48 -3.87 -3.97 -4.45
N VAL A 49 -3.50 -4.23 -3.22
CA VAL A 49 -3.04 -5.57 -2.89
C VAL A 49 -4.16 -6.56 -3.11
N VAL A 50 -5.37 -6.21 -2.65
CA VAL A 50 -6.46 -7.18 -2.73
C VAL A 50 -6.81 -7.44 -4.18
N LYS A 51 -6.80 -6.40 -5.02
CA LYS A 51 -7.05 -6.62 -6.44
C LYS A 51 -6.03 -7.55 -7.05
N MET A 52 -4.74 -7.39 -6.69
CA MET A 52 -3.72 -8.30 -7.25
C MET A 52 -3.88 -9.73 -6.72
N LEU A 53 -4.23 -9.87 -5.44
CA LEU A 53 -4.50 -11.19 -4.88
C LEU A 53 -5.60 -11.84 -5.68
N ILE A 54 -6.64 -11.06 -5.99
CA ILE A 54 -7.79 -11.63 -6.67
C ILE A 54 -7.42 -11.94 -8.10
N GLU A 55 -6.60 -11.08 -8.71
CA GLU A 55 -6.11 -11.33 -10.06
C GLU A 55 -5.49 -12.72 -10.10
N LYS A 56 -4.73 -13.08 -9.07
CA LYS A 56 -4.12 -14.41 -9.09
C LYS A 56 -5.10 -15.53 -8.69
N ASP A 57 -6.05 -15.26 -7.77
CA ASP A 57 -6.97 -16.27 -7.24
C ASP A 57 -8.39 -15.73 -7.25
N PRO A 58 -9.12 -15.92 -8.36
CA PRO A 58 -10.42 -15.20 -8.51
C PRO A 58 -11.48 -15.64 -7.53
N SER A 59 -11.39 -16.86 -7.02
CA SER A 59 -12.38 -17.29 -6.06
C SER A 59 -12.34 -16.46 -4.77
N LEU A 60 -11.38 -15.54 -4.65
CA LEU A 60 -11.30 -14.72 -3.45
C LEU A 60 -12.20 -13.52 -3.54
N GLU A 61 -12.65 -13.18 -4.75
CA GLU A 61 -13.22 -11.86 -4.94
C GLU A 61 -14.32 -11.57 -3.89
N LYS A 62 -15.22 -12.52 -3.65
CA LYS A 62 -16.30 -12.22 -2.72
C LYS A 62 -15.86 -12.39 -1.27
N SER A 63 -15.16 -13.49 -1.00
CA SER A 63 -14.91 -13.92 0.36
C SER A 63 -13.91 -13.04 1.05
N ILE A 64 -12.95 -12.51 0.31
CA ILE A 64 -11.99 -11.59 0.90
C ILE A 64 -12.62 -10.27 1.31
N GLN A 65 -13.78 -9.91 0.75
CA GLN A 65 -14.34 -8.60 1.06
C GLN A 65 -14.54 -8.43 2.57
N PHE A 66 -15.01 -9.48 3.24
CA PHE A 66 -15.26 -9.34 4.66
C PHE A 66 -13.99 -8.88 5.37
N ALA A 67 -12.86 -9.57 5.12
CA ALA A 67 -11.60 -9.20 5.77
C ALA A 67 -11.14 -7.80 5.36
N LEU A 68 -11.32 -7.46 4.07
CA LEU A 68 -10.98 -6.08 3.68
C LEU A 68 -11.82 -5.07 4.43
N ARG A 69 -13.14 -5.32 4.50
CA ARG A 69 -14.03 -4.33 5.08
C ARG A 69 -13.77 -4.18 6.57
N GLN A 70 -13.65 -5.30 7.29
CA GLN A 70 -13.31 -5.18 8.72
C GLN A 70 -12.02 -4.41 8.90
N ASN A 71 -10.97 -4.75 8.13
CA ASN A 71 -9.71 -4.02 8.32
C ASN A 71 -9.95 -2.53 8.05
N LEU A 72 -10.62 -2.19 6.94
CA LEU A 72 -10.69 -0.75 6.69
C LEU A 72 -11.63 -0.06 7.68
N HIS A 73 -12.63 -0.77 8.17
CA HIS A 73 -13.51 -0.12 9.14
C HIS A 73 -12.75 0.15 10.43
N GLU A 74 -12.01 -0.85 10.92
CA GLU A 74 -11.34 -0.67 12.20
C GLU A 74 -10.26 0.41 12.11
N ILE A 75 -9.46 0.37 11.04
CA ILE A 75 -8.49 1.45 10.82
C ILE A 75 -9.21 2.80 10.78
N GLY A 76 -10.34 2.86 10.07
CA GLY A 76 -11.08 4.11 10.01
C GLY A 76 -11.35 4.66 11.40
N GLU A 77 -11.88 3.79 12.29
CA GLU A 77 -12.24 4.23 13.63
C GLU A 77 -11.01 4.71 14.39
N ARG A 78 -9.87 4.02 14.26
CA ARG A 78 -8.68 4.50 14.98
C ARG A 78 -8.31 5.88 14.47
N CYS A 79 -8.37 6.08 13.15
CA CYS A 79 -8.12 7.41 12.63
C CYS A 79 -9.11 8.38 13.26
N VAL A 80 -10.40 8.07 13.22
CA VAL A 80 -11.40 8.96 13.83
C VAL A 80 -11.02 9.23 15.28
N GLU A 81 -10.73 8.16 16.02
CA GLU A 81 -10.38 8.36 17.43
C GLU A 81 -9.16 9.27 17.56
N GLU A 82 -8.18 9.09 16.68
CA GLU A 82 -6.99 9.93 16.74
C GLU A 82 -7.35 11.40 16.67
N LEU A 83 -8.33 11.76 15.84
CA LEU A 83 -8.72 13.17 15.75
C LEU A 83 -9.39 13.64 17.03
N LYS A 84 -10.27 12.83 17.60
CA LYS A 84 -10.97 13.23 18.81
C LYS A 84 -9.96 13.55 19.91
N HIS A 85 -9.02 12.64 20.16
CA HIS A 85 -8.05 12.86 21.21
C HIS A 85 -7.09 14.00 20.89
N PHE A 86 -7.11 14.50 19.65
CA PHE A 86 -6.39 15.73 19.34
C PHE A 86 -7.21 16.93 19.77
N ILE A 87 -8.51 16.87 19.52
CA ILE A 87 -9.40 17.94 19.95
C ILE A 87 -9.33 18.08 21.46
N ALA A 88 -9.61 16.99 22.17
CA ALA A 88 -9.70 17.02 23.63
C ALA A 88 -8.41 17.55 24.26
N GLU A 89 -7.27 17.03 23.80
CA GLU A 89 -5.98 17.50 24.28
C GLU A 89 -5.80 18.99 24.01
N TYR A 90 -6.16 19.42 22.82
CA TYR A 90 -5.98 20.83 22.46
C TYR A 90 -6.76 21.75 23.38
N ASP A 91 -7.99 21.39 23.72
CA ASP A 91 -8.91 22.23 24.46
C ASP A 91 -8.72 22.08 25.97
N THR A 92 -7.51 21.78 26.40
CA THR A 92 -7.21 21.57 27.80
C THR A 92 -6.33 22.69 28.32
N SER A 93 -6.97 23.69 28.92
CA SER A 93 -6.27 24.82 29.49
C SER A 93 -7.28 25.80 30.04
N LEU B 21 36.22 2.34 -11.04
CA LEU B 21 35.31 1.52 -11.82
C LEU B 21 34.66 2.32 -12.93
N THR B 22 34.01 1.63 -13.87
CA THR B 22 33.47 2.26 -15.07
C THR B 22 32.14 2.92 -14.80
N THR B 23 31.89 4.00 -15.53
CA THR B 23 30.57 4.61 -15.54
C THR B 23 29.51 3.53 -15.65
N ARG B 24 29.78 2.52 -16.47
CA ARG B 24 28.75 1.57 -16.84
C ARG B 24 28.52 0.58 -15.72
N SER B 25 29.62 0.15 -15.08
CA SER B 25 29.48 -0.70 -13.91
C SER B 25 28.72 0.04 -12.82
N LYS B 26 29.03 1.32 -12.63
CA LYS B 26 28.32 2.07 -11.60
C LYS B 26 26.84 2.19 -11.93
N ALA B 27 26.49 2.47 -13.20
CA ALA B 27 25.08 2.59 -13.59
C ALA B 27 24.31 1.30 -13.32
N ILE B 28 24.91 0.15 -13.70
CA ILE B 28 24.25 -1.14 -13.45
C ILE B 28 24.10 -1.37 -11.96
N ALA B 29 25.15 -1.09 -11.20
CA ALA B 29 25.10 -1.33 -9.76
C ALA B 29 24.03 -0.48 -9.09
N SER B 30 23.94 0.81 -9.45
CA SER B 30 22.93 1.68 -8.87
C SER B 30 21.54 1.27 -9.30
N LYS B 31 21.36 0.92 -10.59
CA LYS B 31 20.06 0.48 -11.06
C LYS B 31 19.62 -0.77 -10.32
N THR B 32 20.56 -1.64 -10.05
CA THR B 32 20.25 -2.84 -9.32
C THR B 32 19.84 -2.49 -7.91
N LYS B 33 20.55 -1.57 -7.28
CA LYS B 33 20.20 -1.22 -5.92
C LYS B 33 18.79 -0.60 -5.85
N GLU B 34 18.47 0.28 -6.80
CA GLU B 34 17.15 0.90 -6.84
C GLU B 34 16.05 -0.15 -7.02
N ILE B 35 16.24 -1.08 -7.97
CA ILE B 35 15.22 -2.11 -8.17
C ILE B 35 15.05 -2.92 -6.90
N GLU B 36 16.15 -3.22 -6.20
CA GLU B 36 15.99 -4.03 -5.00
C GLU B 36 15.24 -3.25 -3.93
N GLN B 37 15.49 -1.95 -3.81
CA GLN B 37 14.75 -1.21 -2.80
C GLN B 37 13.26 -1.23 -3.13
N VAL B 38 12.93 -0.97 -4.39
CA VAL B 38 11.53 -0.98 -4.76
C VAL B 38 10.94 -2.35 -4.48
N TYR B 39 11.67 -3.42 -4.80
CA TYR B 39 11.09 -4.73 -4.61
C TYR B 39 10.87 -4.98 -3.14
N ARG B 40 11.82 -4.55 -2.29
CA ARG B 40 11.71 -4.83 -0.86
C ARG B 40 10.49 -4.14 -0.30
N GLN B 41 10.30 -2.89 -0.69
CA GLN B 41 9.11 -2.13 -0.36
C GLN B 41 7.84 -2.87 -0.75
N ASP B 42 7.77 -3.36 -1.99
CA ASP B 42 6.56 -4.08 -2.42
C ASP B 42 6.36 -5.35 -1.61
N CYS B 43 7.42 -6.11 -1.35
CA CYS B 43 7.22 -7.33 -0.60
C CYS B 43 6.69 -7.01 0.80
N GLU B 44 7.32 -6.05 1.50
CA GLU B 44 6.87 -5.71 2.84
C GLU B 44 5.43 -5.19 2.82
N THR B 45 5.06 -4.40 1.82
CA THR B 45 3.68 -3.94 1.78
C THR B 45 2.70 -5.11 1.55
N PHE B 46 2.95 -5.95 0.54
CA PHE B 46 2.12 -7.14 0.34
C PHE B 46 2.00 -7.95 1.63
N GLY B 47 3.12 -8.15 2.31
CA GLY B 47 3.10 -9.00 3.50
C GLY B 47 2.31 -8.40 4.63
N MET B 48 2.44 -7.09 4.84
CA MET B 48 1.68 -6.39 5.87
C MET B 48 0.18 -6.49 5.60
N VAL B 49 -0.24 -6.23 4.36
CA VAL B 49 -1.66 -6.28 4.07
C VAL B 49 -2.19 -7.70 4.25
N VAL B 50 -1.46 -8.67 3.74
CA VAL B 50 -1.94 -10.04 3.83
C VAL B 50 -2.02 -10.50 5.29
N LYS B 51 -1.06 -10.10 6.12
CA LYS B 51 -1.14 -10.45 7.54
C LYS B 51 -2.39 -9.87 8.19
N MET B 52 -2.74 -8.65 7.87
CA MET B 52 -3.97 -8.13 8.47
C MET B 52 -5.22 -8.83 7.91
N LEU B 53 -5.21 -9.12 6.62
CA LEU B 53 -6.35 -9.83 6.04
C LEU B 53 -6.55 -11.15 6.77
N ILE B 54 -5.46 -11.89 6.98
CA ILE B 54 -5.58 -13.22 7.57
C ILE B 54 -5.95 -13.13 9.04
N GLU B 55 -5.41 -12.15 9.76
CA GLU B 55 -5.83 -12.02 11.15
C GLU B 55 -7.35 -11.87 11.21
N LYS B 56 -7.93 -11.10 10.28
CA LYS B 56 -9.37 -10.90 10.38
C LYS B 56 -10.18 -12.11 9.88
N ASP B 57 -9.75 -12.82 8.85
CA ASP B 57 -10.48 -14.01 8.40
C ASP B 57 -9.50 -15.15 8.18
N PRO B 58 -9.16 -15.86 9.24
CA PRO B 58 -8.08 -16.85 9.12
C PRO B 58 -8.42 -17.99 8.22
N SER B 59 -9.71 -18.23 7.91
CA SER B 59 -9.99 -19.36 7.02
C SER B 59 -9.41 -19.14 5.65
N LEU B 60 -8.93 -17.95 5.34
CA LEU B 60 -8.40 -17.60 4.05
C LEU B 60 -6.91 -17.87 3.97
N GLU B 61 -6.30 -18.25 5.08
CA GLU B 61 -4.85 -18.27 5.17
C GLU B 61 -4.22 -18.97 3.98
N LYS B 62 -4.74 -20.12 3.60
CA LYS B 62 -4.00 -20.85 2.59
C LYS B 62 -4.15 -20.22 1.21
N SER B 63 -5.32 -19.74 0.85
CA SER B 63 -5.41 -19.28 -0.54
C SER B 63 -4.76 -17.90 -0.69
N ILE B 64 -4.86 -17.08 0.33
CA ILE B 64 -4.22 -15.77 0.27
C ILE B 64 -2.72 -15.93 0.21
N GLN B 65 -2.16 -16.83 1.03
CA GLN B 65 -0.73 -17.07 0.96
C GLN B 65 -0.35 -17.46 -0.44
N PHE B 66 -1.14 -18.32 -1.04
CA PHE B 66 -0.81 -18.81 -2.38
C PHE B 66 -0.76 -17.64 -3.36
N ALA B 67 -1.80 -16.82 -3.33
CA ALA B 67 -1.87 -15.67 -4.22
C ALA B 67 -0.73 -14.71 -3.93
N LEU B 68 -0.37 -14.58 -2.65
CA LEU B 68 0.80 -13.80 -2.31
C LEU B 68 2.02 -14.30 -3.06
N ARG B 69 2.31 -15.59 -2.90
CA ARG B 69 3.49 -16.12 -3.54
C ARG B 69 3.45 -15.85 -5.03
N GLN B 70 2.27 -16.00 -5.63
CA GLN B 70 2.20 -15.79 -7.07
C GLN B 70 2.66 -14.36 -7.39
N ASN B 71 2.06 -13.38 -6.72
CA ASN B 71 2.38 -11.98 -6.96
C ASN B 71 3.87 -11.71 -6.72
N LEU B 72 4.42 -12.21 -5.62
CA LEU B 72 5.78 -11.78 -5.31
C LEU B 72 6.73 -12.38 -6.34
N HIS B 73 6.35 -13.54 -6.89
CA HIS B 73 7.15 -14.16 -7.93
C HIS B 73 7.09 -13.37 -9.23
N GLU B 74 5.88 -12.98 -9.65
CA GLU B 74 5.74 -12.29 -10.92
C GLU B 74 6.46 -10.95 -10.87
N ILE B 75 6.23 -10.21 -9.79
CA ILE B 75 6.93 -8.95 -9.59
C ILE B 75 8.43 -9.17 -9.57
N GLY B 76 8.86 -10.25 -8.88
CA GLY B 76 10.28 -10.60 -8.90
C GLY B 76 10.79 -10.69 -10.31
N GLU B 77 10.08 -11.44 -11.17
CA GLU B 77 10.50 -11.60 -12.56
C GLU B 77 10.53 -10.25 -13.28
N ARG B 78 9.53 -9.38 -13.04
CA ARG B 78 9.54 -8.08 -13.71
C ARG B 78 10.77 -7.27 -13.33
N CYS B 79 11.17 -7.35 -12.05
CA CYS B 79 12.40 -6.73 -11.61
C CYS B 79 13.58 -7.24 -12.43
N VAL B 80 13.68 -8.56 -12.57
CA VAL B 80 14.72 -9.14 -13.39
C VAL B 80 14.65 -8.57 -14.81
N GLU B 81 13.43 -8.57 -15.40
CA GLU B 81 13.31 -8.05 -16.75
C GLU B 81 13.74 -6.59 -16.80
N GLU B 82 13.38 -5.81 -15.78
CA GLU B 82 13.71 -4.40 -15.75
C GLU B 82 15.21 -4.20 -15.86
N LEU B 83 15.98 -4.98 -15.09
CA LEU B 83 17.43 -4.81 -15.09
C LEU B 83 17.99 -5.18 -16.45
N LYS B 84 17.48 -6.27 -17.05
CA LYS B 84 17.96 -6.63 -18.39
C LYS B 84 17.66 -5.52 -19.38
N HIS B 85 16.45 -4.99 -19.31
CA HIS B 85 16.10 -3.87 -20.18
C HIS B 85 17.12 -2.75 -20.06
N PHE B 86 17.46 -2.40 -18.81
CA PHE B 86 18.39 -1.31 -18.58
C PHE B 86 19.73 -1.62 -19.22
N ILE B 87 20.29 -2.79 -18.94
CA ILE B 87 21.54 -3.11 -19.54
C ILE B 87 21.42 -3.05 -21.06
N ALA B 88 20.39 -3.70 -21.63
CA ALA B 88 20.28 -3.72 -23.11
C ALA B 88 20.22 -2.27 -23.66
N GLU B 89 19.38 -1.41 -23.04
CA GLU B 89 19.28 -0.01 -23.50
C GLU B 89 20.65 0.66 -23.44
N TYR B 90 21.34 0.48 -22.33
CA TYR B 90 22.62 1.14 -22.16
C TYR B 90 23.61 0.67 -23.22
N ASP B 91 23.61 -0.62 -23.51
CA ASP B 91 24.63 -1.13 -24.40
C ASP B 91 24.23 -0.98 -25.85
N THR B 92 23.10 -0.30 -26.13
CA THR B 92 22.73 -0.04 -27.51
C THR B 92 22.67 1.46 -27.81
N SER B 93 23.09 2.33 -26.89
CA SER B 93 22.94 3.75 -27.17
C SER B 93 23.91 4.65 -26.41
N THR B 94 25.06 4.14 -25.98
CA THR B 94 26.05 4.93 -25.21
C THR B 94 27.46 4.85 -25.83
N SER C 2 -16.07 -7.29 -10.70
CA SER C 2 -14.64 -7.03 -10.60
C SER C 2 -14.32 -5.59 -10.22
N GLU C 3 -15.33 -4.81 -9.88
CA GLU C 3 -15.12 -3.53 -9.21
C GLU C 3 -15.46 -3.65 -7.74
N THR C 4 -15.66 -4.87 -7.26
CA THR C 4 -16.15 -5.08 -5.91
C THR C 4 -15.16 -4.53 -4.90
N THR C 5 -13.89 -4.75 -5.15
CA THR C 5 -12.85 -4.26 -4.24
C THR C 5 -12.78 -2.73 -4.24
N GLU C 6 -12.81 -2.12 -5.43
CA GLU C 6 -12.85 -0.65 -5.52
C GLU C 6 -14.10 -0.12 -4.85
N ARG C 7 -15.24 -0.73 -5.15
CA ARG C 7 -16.46 -0.24 -4.56
C ARG C 7 -16.39 -0.32 -3.05
N THR C 8 -15.79 -1.40 -2.55
CA THR C 8 -15.65 -1.59 -1.11
C THR C 8 -14.77 -0.49 -0.51
N VAL C 9 -13.61 -0.26 -1.12
CA VAL C 9 -12.66 0.69 -0.56
C VAL C 9 -13.22 2.12 -0.59
N LEU C 10 -13.79 2.51 -1.72
CA LEU C 10 -14.42 3.83 -1.80
C LEU C 10 -15.54 3.97 -0.79
N GLY C 11 -16.31 2.88 -0.55
CA GLY C 11 -17.41 2.97 0.39
C GLY C 11 -16.88 3.17 1.78
N GLU C 12 -15.82 2.45 2.13
CA GLU C 12 -15.17 2.68 3.42
C GLU C 12 -14.69 4.12 3.51
N TYR C 13 -14.12 4.67 2.42
CA TYR C 13 -13.56 6.00 2.57
C TYR C 13 -14.68 7.01 2.76
N ASN C 14 -15.80 6.82 2.07
CA ASN C 14 -16.91 7.73 2.26
C ASN C 14 -17.43 7.68 3.70
N LEU C 15 -17.68 6.47 4.21
CA LEU C 15 -18.19 6.38 5.58
C LEU C 15 -17.24 7.11 6.50
N PHE C 16 -15.93 6.87 6.31
CA PHE C 16 -14.93 7.52 7.16
C PHE C 16 -15.03 9.03 7.07
N SER C 17 -15.04 9.58 5.86
CA SER C 17 -15.01 11.04 5.75
C SER C 17 -16.30 11.67 6.24
N ARG C 18 -17.42 10.96 6.16
CA ARG C 18 -18.63 11.53 6.76
C ARG C 18 -18.51 11.53 8.28
N LYS C 19 -17.93 10.48 8.87
CA LYS C 19 -17.73 10.48 10.32
C LYS C 19 -16.76 11.60 10.73
N ILE C 20 -15.73 11.83 9.92
CA ILE C 20 -14.84 12.96 10.14
C ILE C 20 -15.63 14.27 10.13
N GLU C 21 -16.57 14.43 9.19
CA GLU C 21 -17.35 15.68 9.14
C GLU C 21 -18.27 15.82 10.34
N GLU C 22 -18.92 14.73 10.78
CA GLU C 22 -19.74 14.78 11.99
C GLU C 22 -18.91 15.28 13.18
N ILE C 23 -17.68 14.77 13.32
CA ILE C 23 -16.83 15.20 14.44
C ILE C 23 -16.49 16.68 14.31
N LEU C 24 -15.99 17.09 13.13
CA LEU C 24 -15.62 18.48 12.93
C LEU C 24 -16.78 19.42 13.24
N LYS C 25 -17.95 19.16 12.66
CA LYS C 25 -19.10 20.01 12.93
C LYS C 25 -19.40 20.03 14.42
N GLN C 26 -19.59 18.85 15.02
CA GLN C 26 -20.03 18.77 16.40
C GLN C 26 -19.17 19.64 17.30
N LYS C 27 -17.91 19.29 17.52
CA LYS C 27 -17.08 20.08 18.43
C LYS C 27 -15.75 20.37 17.76
N ASN C 28 -15.61 21.50 17.07
CA ASN C 28 -16.68 22.48 16.83
C ASN C 28 -16.28 23.33 15.62
N VAL C 29 -17.27 23.76 14.84
CA VAL C 29 -17.05 24.58 13.65
C VAL C 29 -15.91 23.99 12.82
N SER C 30 -15.15 24.86 12.13
CA SER C 30 -14.08 24.47 11.21
C SER C 30 -14.65 24.32 9.80
N TYR C 31 -13.81 23.93 8.84
CA TYR C 31 -14.20 23.97 7.44
C TYR C 31 -13.96 22.66 6.68
N VAL C 32 -14.14 22.73 5.37
CA VAL C 32 -14.29 21.62 4.44
C VAL C 32 -12.92 21.01 4.14
N SER C 33 -12.80 19.68 4.26
CA SER C 33 -11.59 18.98 3.85
C SER C 33 -11.57 18.79 2.34
N THR C 34 -10.36 18.56 1.82
CA THR C 34 -10.19 18.49 0.38
C THR C 34 -9.21 17.40 -0.06
N VAL C 35 -9.11 16.33 0.72
CA VAL C 35 -8.35 15.16 0.28
C VAL C 35 -9.18 14.43 -0.77
N SER C 36 -8.56 14.14 -1.90
CA SER C 36 -9.26 13.47 -2.98
C SER C 36 -9.62 12.05 -2.59
N THR C 37 -10.64 11.49 -3.28
CA THR C 37 -11.01 10.15 -2.90
C THR C 37 -9.99 9.14 -3.46
N PRO C 38 -9.81 8.02 -2.78
CA PRO C 38 -8.78 7.07 -3.23
C PRO C 38 -8.97 6.64 -4.69
N ILE C 39 -7.85 6.17 -5.28
CA ILE C 39 -7.74 5.81 -6.70
C ILE C 39 -6.85 4.59 -6.83
N PHE C 40 -7.06 3.81 -7.89
CA PHE C 40 -6.39 2.52 -8.04
C PHE C 40 -5.80 2.38 -9.44
N SER C 41 -4.84 3.23 -9.77
CA SER C 41 -4.11 3.13 -11.03
C SER C 41 -2.87 4.02 -10.96
N THR C 42 -1.89 3.69 -11.81
CA THR C 42 -0.63 4.44 -11.88
C THR C 42 -0.92 5.90 -12.25
N ALA C 60 4.21 -15.86 5.05
CA ALA C 60 4.51 -14.89 6.09
C ALA C 60 5.87 -14.22 5.83
N GLY C 61 6.92 -15.02 5.79
CA GLY C 61 8.25 -14.49 5.61
C GLY C 61 8.57 -14.19 4.17
N VAL C 62 8.84 -12.91 3.90
CA VAL C 62 9.10 -12.44 2.55
C VAL C 62 10.55 -12.37 2.21
N GLN C 63 11.43 -12.54 3.20
CA GLN C 63 12.85 -12.40 2.95
C GLN C 63 13.33 -13.38 1.90
N GLU C 64 12.70 -14.55 1.79
CA GLU C 64 13.12 -15.48 0.76
C GLU C 64 12.97 -14.87 -0.62
N PHE C 65 11.96 -14.04 -0.83
CA PHE C 65 11.79 -13.45 -2.14
C PHE C 65 12.82 -12.38 -2.38
N VAL C 66 13.14 -11.61 -1.34
CA VAL C 66 14.19 -10.60 -1.44
C VAL C 66 15.50 -11.28 -1.81
N ASP C 67 15.87 -12.31 -1.06
CA ASP C 67 17.12 -13.02 -1.30
C ASP C 67 17.13 -13.63 -2.68
N GLY C 68 16.02 -14.24 -3.12
CA GLY C 68 15.96 -14.81 -4.45
C GLY C 68 16.21 -13.77 -5.52
N LEU C 69 15.57 -12.60 -5.37
CA LEU C 69 15.83 -11.54 -6.32
C LEU C 69 17.31 -11.13 -6.28
N HIS C 70 17.86 -10.95 -5.07
CA HIS C 70 19.23 -10.46 -4.96
C HIS C 70 20.18 -11.39 -5.71
N GLU C 71 19.93 -12.69 -5.63
CA GLU C 71 20.82 -13.62 -6.31
C GLU C 71 20.63 -13.56 -7.83
N LYS C 72 19.38 -13.54 -8.30
CA LYS C 72 19.22 -13.48 -9.75
C LYS C 72 19.91 -12.24 -10.29
N LEU C 73 19.81 -11.13 -9.58
CA LEU C 73 20.37 -9.89 -10.08
C LEU C 73 21.90 -9.89 -10.00
N ASN C 74 22.48 -10.47 -8.95
CA ASN C 74 23.92 -10.56 -8.96
C ASN C 74 24.39 -11.42 -10.11
N THR C 75 23.65 -12.48 -10.39
CA THR C 75 24.00 -13.33 -11.51
C THR C 75 24.03 -12.54 -12.79
N ILE C 76 22.98 -11.73 -13.01
CA ILE C 76 22.90 -10.91 -14.21
C ILE C 76 24.10 -9.99 -14.29
N ILE C 77 24.37 -9.28 -13.19
CA ILE C 77 25.47 -8.33 -13.17
C ILE C 77 26.76 -9.03 -13.59
N ILE C 78 27.05 -10.17 -12.97
CA ILE C 78 28.29 -10.85 -13.31
C ILE C 78 28.32 -11.21 -14.80
N LYS C 79 27.21 -11.74 -15.32
CA LYS C 79 27.22 -12.11 -16.73
C LYS C 79 27.53 -10.91 -17.61
N ALA C 80 27.12 -9.73 -17.14
CA ALA C 80 27.22 -8.46 -17.88
C ALA C 80 28.65 -7.98 -18.02
N SER C 81 29.58 -8.53 -17.27
CA SER C 81 31.02 -8.19 -17.41
C SER C 81 31.77 -9.43 -17.84
S SO4 D . -23.19 -2.75 -11.57
O1 SO4 D . -23.88 -3.99 -11.79
O2 SO4 D . -21.92 -3.10 -11.02
O3 SO4 D . -22.92 -2.05 -12.81
O4 SO4 D . -24.00 -1.90 -10.69
#